data_3TS7
#
_entry.id   3TS7
#
_cell.length_a   114.592
_cell.length_b   114.592
_cell.length_c   113.190
_cell.angle_alpha   90.00
_cell.angle_beta   90.00
_cell.angle_gamma   90.00
#
_symmetry.space_group_name_H-M   'P 42 21 2'
#
loop_
_entity.id
_entity.type
_entity.pdbx_description
1 polymer Geranyltranstransferase
2 non-polymer 'PHOSPHATE ION'
3 water water
#
_entity_poly.entity_id   1
_entity_poly.type   'polypeptide(L)'
_entity_poly.pdbx_seq_one_letter_code
;MVMNPERSLSDFMRSSQERVERALDARLPAADRMPERLHQAMRYSVLGGGKRMRPLLTYATGQTIGVAADLLDGPACAVE
FIHVYSLIHDDLPAMDDDDLRRGKPTCHKAYDEATAILAGDGLQALAFHVLAQDPSIAVPAENRIAMIETLAKASGPAGM
VGGQAIDLASVGKKLDLPGLENMHIRKTGALIRASVRLACLARPGLPAEQFDRLDHYAKCIGLAFQIQDDILDEESDTQT
LGKTRGKDRDHNKPNYPALLGLSGAKEKAEEMHEAALESLAGFGPEADLLRELARFIIQRQSAENLYFQSHHHHHHWSHP
QFEK
;
_entity_poly.pdbx_strand_id   A,B
#
# COMPACT_ATOMS: atom_id res chain seq x y z
N GLU A 6 6.00 17.97 -31.66
CA GLU A 6 4.53 18.11 -31.84
C GLU A 6 3.99 17.20 -32.95
N ARG A 7 3.21 16.19 -32.55
CA ARG A 7 2.48 15.35 -33.49
C ARG A 7 1.02 15.21 -33.04
N SER A 8 0.22 14.50 -33.83
CA SER A 8 -1.21 14.36 -33.57
C SER A 8 -1.46 13.56 -32.29
N LEU A 9 -2.66 13.71 -31.74
CA LEU A 9 -3.08 12.98 -30.57
C LEU A 9 -3.15 11.46 -30.81
N SER A 10 -3.60 11.06 -32.00
CA SER A 10 -3.67 9.65 -32.36
C SER A 10 -2.26 9.01 -32.34
N ASP A 11 -1.28 9.71 -32.90
CA ASP A 11 0.13 9.28 -32.83
C ASP A 11 0.63 9.16 -31.40
N PHE A 12 0.29 10.14 -30.57
CA PHE A 12 0.67 10.12 -29.16
C PHE A 12 -0.02 8.99 -28.41
N MET A 13 -1.33 8.82 -28.65
CA MET A 13 -2.10 7.72 -28.06
C MET A 13 -1.52 6.35 -28.39
N ARG A 14 -1.22 6.11 -29.68
CA ARG A 14 -0.65 4.84 -30.11
CA ARG A 14 -0.65 4.84 -30.11
C ARG A 14 0.71 4.59 -29.45
N SER A 15 1.61 5.55 -29.62
CA SER A 15 2.96 5.53 -29.02
C SER A 15 2.90 5.23 -27.52
N SER A 16 2.09 5.98 -26.79
CA SER A 16 1.99 5.89 -25.33
C SER A 16 1.36 4.59 -24.84
N GLN A 17 0.35 4.10 -25.55
CA GLN A 17 -0.26 2.82 -25.20
C GLN A 17 0.78 1.71 -25.29
N GLU A 18 1.56 1.72 -26.36
CA GLU A 18 2.54 0.70 -26.58
C GLU A 18 3.68 0.82 -25.60
N ARG A 19 4.10 2.06 -25.34
CA ARG A 19 5.16 2.37 -24.36
C ARG A 19 4.78 1.95 -22.97
N VAL A 20 3.61 2.34 -22.50
CA VAL A 20 3.19 1.96 -21.16
C VAL A 20 3.02 0.44 -21.00
N GLU A 21 2.63 -0.28 -22.07
CA GLU A 21 2.57 -1.75 -22.02
C GLU A 21 3.95 -2.38 -21.78
N ARG A 22 4.95 -1.97 -22.54
CA ARG A 22 6.32 -2.48 -22.35
C ARG A 22 6.82 -2.12 -20.96
N ALA A 23 6.59 -0.86 -20.57
CA ALA A 23 7.02 -0.36 -19.27
C ALA A 23 6.38 -1.10 -18.08
N LEU A 24 5.09 -1.42 -18.18
CA LEU A 24 4.37 -2.14 -17.11
C LEU A 24 4.82 -3.60 -17.08
N ASP A 25 5.04 -4.18 -18.26
CA ASP A 25 5.51 -5.57 -18.34
C ASP A 25 6.87 -5.71 -17.64
N ALA A 26 7.76 -4.74 -17.88
CA ALA A 26 9.12 -4.70 -17.34
C ALA A 26 9.18 -4.50 -15.83
N ARG A 27 8.10 -3.99 -15.22
CA ARG A 27 8.01 -3.78 -13.78
C ARG A 27 7.08 -4.75 -13.08
N LEU A 28 6.52 -5.69 -13.82
CA LEU A 28 5.67 -6.70 -13.21
C LEU A 28 6.53 -7.97 -13.10
N PRO A 29 6.48 -8.64 -11.94
CA PRO A 29 7.25 -9.89 -11.77
C PRO A 29 6.75 -10.96 -12.75
N ALA A 30 7.70 -11.74 -13.30
CA ALA A 30 7.40 -12.77 -14.31
C ALA A 30 6.34 -13.79 -13.90
N ALA A 31 5.55 -14.22 -14.89
CA ALA A 31 4.48 -15.22 -14.69
C ALA A 31 5.03 -16.57 -14.22
N ASP A 32 6.26 -16.89 -14.64
CA ASP A 32 6.90 -18.17 -14.34
C ASP A 32 7.81 -18.15 -13.09
N ARG A 33 7.60 -17.18 -12.20
CA ARG A 33 8.37 -17.12 -10.95
C ARG A 33 7.42 -17.12 -9.78
N MET A 34 7.82 -17.81 -8.72
CA MET A 34 7.00 -17.99 -7.53
C MET A 34 6.81 -16.64 -6.81
N PRO A 35 5.60 -16.35 -6.32
CA PRO A 35 4.34 -17.10 -6.45
C PRO A 35 3.66 -16.84 -7.82
N GLU A 36 3.64 -17.87 -8.64
CA GLU A 36 3.23 -17.77 -10.04
C GLU A 36 1.81 -17.28 -10.26
N ARG A 37 0.85 -17.87 -9.53
CA ARG A 37 -0.56 -17.51 -9.68
C ARG A 37 -0.80 -16.02 -9.38
N LEU A 38 -0.22 -15.53 -8.28
CA LEU A 38 -0.29 -14.10 -7.92
C LEU A 38 0.31 -13.22 -9.02
N HIS A 39 1.50 -13.58 -9.50
CA HIS A 39 2.12 -12.82 -10.58
C HIS A 39 1.25 -12.79 -11.84
N GLN A 40 0.69 -13.94 -12.20
CA GLN A 40 -0.20 -14.03 -13.37
C GLN A 40 -1.47 -13.20 -13.21
N ALA A 41 -2.05 -13.22 -12.00
CA ALA A 41 -3.27 -12.46 -11.70
C ALA A 41 -3.07 -10.94 -11.73
N MET A 42 -1.91 -10.50 -11.23
CA MET A 42 -1.51 -9.10 -11.28
C MET A 42 -1.32 -8.69 -12.73
N ARG A 43 -0.62 -9.51 -13.49
CA ARG A 43 -0.43 -9.28 -14.93
C ARG A 43 -1.74 -9.31 -15.74
N TYR A 44 -2.67 -10.16 -15.32
CA TYR A 44 -3.95 -10.30 -15.99
C TYR A 44 -4.71 -8.99 -15.94
N SER A 45 -4.89 -8.46 -14.74
CA SER A 45 -5.61 -7.20 -14.56
C SER A 45 -4.87 -6.00 -15.17
N VAL A 46 -3.56 -5.93 -15.02
CA VAL A 46 -2.79 -4.75 -15.50
C VAL A 46 -2.63 -4.73 -17.02
N LEU A 47 -2.23 -5.87 -17.60
CA LEU A 47 -1.99 -5.94 -19.03
C LEU A 47 -3.22 -6.32 -19.86
N GLY A 48 -4.35 -6.59 -19.21
CA GLY A 48 -5.56 -7.05 -19.89
C GLY A 48 -6.23 -6.00 -20.78
N GLY A 49 -6.01 -4.73 -20.47
CA GLY A 49 -6.59 -3.61 -21.22
C GLY A 49 -6.65 -2.39 -20.32
N GLY A 50 -7.46 -1.41 -20.73
CA GLY A 50 -7.65 -0.15 -20.01
C GLY A 50 -7.44 1.06 -20.91
N LYS A 51 -8.10 2.17 -20.60
CA LYS A 51 -7.93 3.39 -21.38
C LYS A 51 -6.54 4.02 -21.17
N ARG A 52 -5.90 3.70 -20.04
CA ARG A 52 -4.56 4.24 -19.69
C ARG A 52 -4.60 5.77 -19.59
N MET A 53 -5.71 6.29 -19.07
CA MET A 53 -5.93 7.75 -19.01
C MET A 53 -4.84 8.39 -18.15
N ARG A 54 -4.53 7.73 -17.03
CA ARG A 54 -3.52 8.26 -16.11
C ARG A 54 -2.10 8.26 -16.69
N PRO A 55 -1.64 7.12 -17.29
CA PRO A 55 -0.37 7.26 -17.99
C PRO A 55 -0.38 8.25 -19.16
N LEU A 56 -1.48 8.36 -19.91
CA LEU A 56 -1.55 9.38 -20.95
C LEU A 56 -1.29 10.79 -20.40
N LEU A 57 -1.91 11.12 -19.28
CA LEU A 57 -1.75 12.44 -18.67
C LEU A 57 -0.28 12.67 -18.27
N THR A 58 0.31 11.66 -17.62
CA THR A 58 1.73 11.70 -17.21
C THR A 58 2.63 12.00 -18.37
N TYR A 59 2.51 11.22 -19.45
CA TYR A 59 3.35 11.43 -20.62
C TYR A 59 3.06 12.76 -21.32
N ALA A 60 1.80 13.16 -21.37
CA ALA A 60 1.46 14.41 -22.07
C ALA A 60 1.95 15.60 -21.25
N THR A 61 1.82 15.51 -19.92
CA THR A 61 2.37 16.57 -19.03
C THR A 61 3.89 16.67 -19.25
N GLY A 62 4.57 15.53 -19.26
CA GLY A 62 5.98 15.46 -19.63
C GLY A 62 6.38 16.21 -20.88
N GLN A 63 5.67 15.96 -21.98
CA GLN A 63 5.96 16.65 -23.24
C GLN A 63 5.77 18.14 -23.10
N THR A 64 4.69 18.54 -22.44
CA THR A 64 4.35 19.96 -22.26
C THR A 64 5.43 20.75 -21.54
N ILE A 65 6.09 20.10 -20.56
CA ILE A 65 7.11 20.78 -19.73
C ILE A 65 8.58 20.37 -20.02
N GLY A 66 8.82 19.62 -21.09
CA GLY A 66 10.18 19.27 -21.51
C GLY A 66 10.90 18.20 -20.69
N VAL A 67 10.16 17.22 -20.19
CA VAL A 67 10.73 16.07 -19.52
C VAL A 67 10.83 14.94 -20.53
N ALA A 68 11.96 14.24 -20.57
CA ALA A 68 12.11 13.04 -21.40
C ALA A 68 11.21 11.93 -20.89
N ALA A 69 10.60 11.20 -21.82
CA ALA A 69 9.70 10.10 -21.46
C ALA A 69 10.39 8.98 -20.68
N ASP A 70 11.70 8.84 -20.83
CA ASP A 70 12.48 7.88 -20.03
C ASP A 70 12.33 8.10 -18.53
N LEU A 71 12.28 9.36 -18.11
CA LEU A 71 12.03 9.71 -16.72
C LEU A 71 10.60 9.42 -16.28
N LEU A 72 9.68 9.24 -17.23
CA LEU A 72 8.25 9.17 -16.89
C LEU A 72 7.65 7.77 -16.86
N ASP A 73 8.37 6.80 -17.41
CA ASP A 73 7.91 5.41 -17.41
C ASP A 73 7.59 4.87 -16.02
N GLY A 74 8.52 5.08 -15.08
CA GLY A 74 8.28 4.66 -13.70
C GLY A 74 7.08 5.33 -13.03
N PRO A 75 7.02 6.69 -13.06
CA PRO A 75 5.81 7.32 -12.54
C PRO A 75 4.50 6.88 -13.23
N ALA A 76 4.50 6.76 -14.56
CA ALA A 76 3.27 6.37 -15.28
C ALA A 76 2.85 4.97 -14.84
N CYS A 77 3.81 4.07 -14.68
CA CYS A 77 3.51 2.75 -14.15
C CYS A 77 3.00 2.75 -12.74
N ALA A 78 3.56 3.60 -11.86
CA ALA A 78 3.14 3.60 -10.46
C ALA A 78 1.68 4.01 -10.34
N VAL A 79 1.26 5.04 -11.08
CA VAL A 79 -0.13 5.49 -10.99
CA VAL A 79 -0.13 5.50 -11.00
C VAL A 79 -1.09 4.45 -11.60
N GLU A 80 -0.65 3.83 -12.68
CA GLU A 80 -1.44 2.79 -13.32
C GLU A 80 -1.58 1.58 -12.41
N PHE A 81 -0.51 1.24 -11.66
CA PHE A 81 -0.59 0.11 -10.73
C PHE A 81 -1.61 0.39 -9.66
N ILE A 82 -1.63 1.63 -9.13
CA ILE A 82 -2.60 1.99 -8.10
C ILE A 82 -4.03 1.95 -8.68
N HIS A 83 -4.16 2.51 -9.87
CA HIS A 83 -5.49 2.51 -10.49
C HIS A 83 -6.01 1.07 -10.69
N VAL A 84 -5.16 0.21 -11.23
CA VAL A 84 -5.51 -1.19 -11.48
C VAL A 84 -5.85 -1.92 -10.19
N TYR A 85 -5.02 -1.75 -9.15
CA TYR A 85 -5.35 -2.29 -7.82
C TYR A 85 -6.73 -1.87 -7.32
N SER A 86 -7.08 -0.59 -7.43
CA SER A 86 -8.39 -0.16 -6.95
C SER A 86 -9.54 -0.83 -7.70
N LEU A 87 -9.35 -1.10 -9.00
CA LEU A 87 -10.37 -1.80 -9.79
C LEU A 87 -10.58 -3.24 -9.35
N ILE A 88 -9.50 -4.02 -9.27
CA ILE A 88 -9.54 -5.39 -8.69
C ILE A 88 -10.36 -5.43 -7.39
N HIS A 89 -10.05 -4.53 -6.47
CA HIS A 89 -10.74 -4.49 -5.20
C HIS A 89 -12.18 -3.97 -5.32
N ASP A 90 -12.42 -3.02 -6.22
CA ASP A 90 -13.75 -2.47 -6.43
C ASP A 90 -14.68 -3.50 -7.06
N ASP A 91 -14.15 -4.30 -7.98
CA ASP A 91 -14.88 -5.36 -8.68
C ASP A 91 -15.35 -6.52 -7.81
N LEU A 92 -14.84 -6.62 -6.60
CA LEU A 92 -15.15 -7.71 -5.69
C LEU A 92 -16.62 -7.70 -5.27
N PRO A 93 -17.13 -8.88 -4.90
CA PRO A 93 -18.51 -9.08 -4.48
C PRO A 93 -18.89 -8.17 -3.31
N ALA A 94 -17.99 -7.90 -2.37
CA ALA A 94 -18.25 -6.97 -1.29
C ALA A 94 -18.43 -5.51 -1.76
N MET A 95 -17.90 -5.19 -2.91
CA MET A 95 -17.96 -3.83 -3.39
C MET A 95 -18.97 -3.64 -4.54
N ASP A 96 -18.50 -3.52 -5.76
CA ASP A 96 -19.38 -3.35 -6.92
C ASP A 96 -19.86 -4.65 -7.58
N ASP A 97 -19.20 -5.75 -7.28
CA ASP A 97 -19.56 -7.07 -7.75
C ASP A 97 -19.66 -7.31 -9.25
N ASP A 98 -18.57 -7.11 -9.97
CA ASP A 98 -18.58 -7.24 -11.42
C ASP A 98 -17.94 -8.53 -11.85
N ASP A 99 -18.59 -9.21 -12.78
CA ASP A 99 -18.04 -10.45 -13.33
C ASP A 99 -17.22 -10.17 -14.56
N LEU A 100 -17.47 -9.00 -15.15
CA LEU A 100 -16.83 -8.61 -16.40
C LEU A 100 -16.41 -7.15 -16.32
N ARG A 101 -15.37 -6.83 -17.08
CA ARG A 101 -14.87 -5.47 -17.18
C ARG A 101 -14.25 -5.39 -18.55
N ARG A 102 -14.68 -4.37 -19.31
CA ARG A 102 -14.17 -4.13 -20.67
CA ARG A 102 -14.20 -4.11 -20.68
C ARG A 102 -14.29 -5.32 -21.62
N GLY A 103 -15.26 -6.20 -21.37
CA GLY A 103 -15.45 -7.38 -22.22
C GLY A 103 -14.57 -8.58 -21.92
N LYS A 104 -13.86 -8.55 -20.80
CA LYS A 104 -13.11 -9.71 -20.31
C LYS A 104 -13.59 -10.03 -18.89
N PRO A 105 -13.41 -11.28 -18.42
CA PRO A 105 -13.81 -11.53 -17.03
C PRO A 105 -12.88 -10.82 -16.03
N THR A 106 -13.41 -10.49 -14.85
CA THR A 106 -12.64 -9.74 -13.85
C THR A 106 -11.61 -10.63 -13.16
N CYS A 107 -10.80 -10.04 -12.28
CA CYS A 107 -9.69 -10.77 -11.63
C CYS A 107 -10.16 -11.95 -10.80
N HIS A 108 -11.06 -11.69 -9.86
CA HIS A 108 -11.58 -12.72 -8.98
C HIS A 108 -12.42 -13.80 -9.70
N LYS A 109 -12.78 -13.55 -10.96
CA LYS A 109 -13.48 -14.54 -11.78
C LYS A 109 -12.52 -15.38 -12.60
N ALA A 110 -11.50 -14.75 -13.18
CA ALA A 110 -10.40 -15.48 -13.84
C ALA A 110 -9.57 -16.31 -12.86
N TYR A 111 -9.54 -15.89 -11.59
CA TYR A 111 -8.76 -16.55 -10.54
C TYR A 111 -9.71 -16.91 -9.42
N ASP A 112 -9.60 -16.24 -8.28
CA ASP A 112 -10.55 -16.42 -7.18
C ASP A 112 -10.43 -15.16 -6.34
N GLU A 113 -11.27 -15.04 -5.33
CA GLU A 113 -11.38 -13.82 -4.54
C GLU A 113 -10.15 -13.50 -3.68
N ALA A 114 -9.62 -14.53 -3.01
CA ALA A 114 -8.34 -14.48 -2.30
C ALA A 114 -7.22 -13.95 -3.19
N THR A 115 -7.08 -14.52 -4.38
CA THR A 115 -6.04 -14.14 -5.31
C THR A 115 -6.23 -12.68 -5.78
N ALA A 116 -7.48 -12.23 -5.82
CA ALA A 116 -7.82 -10.87 -6.23
C ALA A 116 -7.46 -9.84 -5.17
N ILE A 117 -7.86 -10.10 -3.93
CA ILE A 117 -7.48 -9.29 -2.78
C ILE A 117 -5.96 -9.10 -2.74
N LEU A 118 -5.21 -10.19 -2.89
CA LEU A 118 -3.76 -10.16 -2.82
C LEU A 118 -3.13 -9.52 -4.03
N ALA A 119 -3.70 -9.77 -5.22
CA ALA A 119 -3.18 -9.12 -6.41
C ALA A 119 -3.23 -7.58 -6.29
N GLY A 120 -4.35 -7.08 -5.73
CA GLY A 120 -4.53 -5.64 -5.44
C GLY A 120 -3.55 -5.14 -4.40
N ASP A 121 -3.50 -5.84 -3.27
CA ASP A 121 -2.54 -5.56 -2.20
C ASP A 121 -1.09 -5.48 -2.70
N GLY A 122 -0.71 -6.44 -3.54
CA GLY A 122 0.62 -6.54 -4.12
C GLY A 122 0.93 -5.41 -5.09
N LEU A 123 -0.05 -5.02 -5.89
CA LEU A 123 0.14 -3.89 -6.80
C LEU A 123 0.33 -2.55 -6.09
N GLN A 124 -0.38 -2.32 -4.99
CA GLN A 124 -0.20 -1.08 -4.23
C GLN A 124 1.25 -1.02 -3.68
N ALA A 125 1.73 -2.12 -3.10
CA ALA A 125 3.13 -2.17 -2.62
C ALA A 125 4.12 -1.95 -3.74
N LEU A 126 3.86 -2.58 -4.88
CA LEU A 126 4.73 -2.49 -6.03
C LEU A 126 4.83 -1.09 -6.65
N ALA A 127 3.75 -0.30 -6.53
CA ALA A 127 3.76 1.07 -7.04
C ALA A 127 4.75 1.89 -6.23
N PHE A 128 4.75 1.70 -4.91
CA PHE A 128 5.72 2.38 -4.05
C PHE A 128 7.14 1.88 -4.27
N HIS A 129 7.29 0.57 -4.52
CA HIS A 129 8.57 0.00 -4.87
C HIS A 129 9.13 0.60 -6.15
N VAL A 130 8.27 0.82 -7.15
CA VAL A 130 8.75 1.47 -8.37
C VAL A 130 9.23 2.91 -8.08
N LEU A 131 8.49 3.68 -7.32
CA LEU A 131 8.88 5.09 -7.10
C LEU A 131 10.15 5.22 -6.26
N ALA A 132 10.31 4.32 -5.30
CA ALA A 132 11.43 4.38 -4.35
C ALA A 132 12.72 3.87 -4.95
N GLN A 133 12.65 2.98 -5.94
CA GLN A 133 13.83 2.22 -6.35
C GLN A 133 14.13 2.27 -7.85
N ASP A 134 13.11 2.48 -8.69
CA ASP A 134 13.33 2.44 -10.14
C ASP A 134 14.40 3.43 -10.58
N PRO A 135 15.55 2.89 -11.08
CA PRO A 135 16.69 3.75 -11.44
C PRO A 135 16.44 4.63 -12.66
N SER A 136 15.47 4.26 -13.52
CA SER A 136 15.14 5.09 -14.68
C SER A 136 14.49 6.43 -14.29
N ILE A 137 13.97 6.52 -13.07
CA ILE A 137 13.44 7.79 -12.57
C ILE A 137 14.62 8.56 -11.99
N ALA A 138 15.42 9.11 -12.90
CA ALA A 138 16.71 9.72 -12.61
C ALA A 138 16.51 11.16 -12.18
N VAL A 139 15.98 11.33 -10.98
CA VAL A 139 15.68 12.66 -10.44
C VAL A 139 16.36 12.73 -9.09
N PRO A 140 16.63 13.97 -8.59
CA PRO A 140 17.21 14.10 -7.24
C PRO A 140 16.35 13.45 -6.16
N ALA A 141 16.96 13.18 -5.01
CA ALA A 141 16.32 12.46 -3.91
C ALA A 141 15.07 13.16 -3.38
N GLU A 142 15.11 14.49 -3.26
CA GLU A 142 13.97 15.22 -2.74
C GLU A 142 12.72 15.09 -3.66
N ASN A 143 12.97 15.10 -4.96
CA ASN A 143 11.90 14.91 -5.95
C ASN A 143 11.29 13.52 -5.89
N ARG A 144 12.12 12.50 -5.70
CA ARG A 144 11.65 11.13 -5.56
C ARG A 144 10.78 10.94 -4.33
N ILE A 145 11.20 11.51 -3.19
CA ILE A 145 10.41 11.48 -1.97
C ILE A 145 9.07 12.20 -2.14
N ALA A 146 9.07 13.34 -2.84
CA ALA A 146 7.83 14.06 -3.10
C ALA A 146 6.88 13.23 -4.02
N MET A 147 7.43 12.51 -5.00
CA MET A 147 6.64 11.56 -5.82
C MET A 147 5.92 10.55 -4.95
N ILE A 148 6.64 10.01 -3.97
CA ILE A 148 6.10 8.99 -3.08
C ILE A 148 5.01 9.56 -2.19
N GLU A 149 5.27 10.74 -1.61
CA GLU A 149 4.26 11.42 -0.83
C GLU A 149 2.98 11.77 -1.66
N THR A 150 3.21 12.21 -2.88
CA THR A 150 2.11 12.52 -3.80
C THR A 150 1.22 11.28 -3.98
N LEU A 151 1.86 10.16 -4.35
CA LEU A 151 1.15 8.90 -4.55
C LEU A 151 0.41 8.42 -3.31
N ALA A 152 1.05 8.49 -2.15
CA ALA A 152 0.43 8.02 -0.90
C ALA A 152 -0.74 8.89 -0.43
N LYS A 153 -0.62 10.20 -0.58
CA LYS A 153 -1.72 11.11 -0.23
C LYS A 153 -2.90 10.91 -1.21
N ALA A 154 -2.57 10.71 -2.47
CA ALA A 154 -3.59 10.51 -3.52
C ALA A 154 -4.31 9.17 -3.38
N SER A 155 -3.63 8.15 -2.87
CA SER A 155 -4.17 6.78 -2.83
C SER A 155 -4.84 6.45 -1.53
N GLY A 156 -4.55 7.20 -0.48
CA GLY A 156 -5.02 6.80 0.83
C GLY A 156 -6.40 7.26 1.29
N PRO A 157 -6.60 7.27 2.63
CA PRO A 157 -7.84 7.71 3.27
C PRO A 157 -8.28 9.14 2.92
N ALA A 158 -7.35 10.03 2.60
CA ALA A 158 -7.72 11.41 2.22
C ALA A 158 -7.82 11.57 0.71
N GLY A 159 -7.54 10.49 -0.02
CA GLY A 159 -7.64 10.48 -1.47
C GLY A 159 -8.58 9.36 -1.92
N MET A 160 -8.13 8.60 -2.92
CA MET A 160 -8.89 7.50 -3.59
C MET A 160 -9.70 6.57 -2.69
N VAL A 161 -9.04 6.03 -1.66
CA VAL A 161 -9.67 5.08 -0.76
C VAL A 161 -10.79 5.72 0.07
N GLY A 162 -10.53 6.92 0.57
CA GLY A 162 -11.52 7.67 1.31
C GLY A 162 -12.68 8.11 0.42
N GLY A 163 -12.36 8.39 -0.86
CA GLY A 163 -13.38 8.72 -1.87
C GLY A 163 -14.36 7.59 -2.11
N GLN A 164 -13.85 6.35 -2.18
CA GLN A 164 -14.70 5.16 -2.28
C GLN A 164 -15.54 4.95 -1.02
N ALA A 165 -14.98 5.26 0.13
CA ALA A 165 -15.72 5.20 1.36
C ALA A 165 -16.89 6.20 1.36
N ILE A 166 -16.65 7.41 0.86
CA ILE A 166 -17.69 8.47 0.79
C ILE A 166 -18.82 8.05 -0.17
N ASP A 167 -18.41 7.50 -1.31
CA ASP A 167 -19.29 6.95 -2.34
C ASP A 167 -20.22 5.88 -1.78
N LEU A 168 -19.67 4.88 -1.08
CA LEU A 168 -20.44 3.78 -0.48
C LEU A 168 -21.37 4.28 0.63
N ALA A 169 -20.87 5.17 1.47
CA ALA A 169 -21.69 5.80 2.54
C ALA A 169 -22.80 6.74 2.03
N SER A 170 -22.78 7.10 0.75
CA SER A 170 -23.77 8.02 0.20
C SER A 170 -24.89 7.32 -0.56
N VAL A 171 -24.90 5.98 -0.55
CA VAL A 171 -25.99 5.23 -1.20
C VAL A 171 -27.28 5.39 -0.39
N GLY A 172 -28.40 5.56 -1.11
CA GLY A 172 -29.69 5.89 -0.50
C GLY A 172 -29.68 7.25 0.17
N LYS A 173 -28.87 8.17 -0.35
CA LYS A 173 -28.74 9.53 0.17
C LYS A 173 -28.67 10.54 -0.96
N LYS A 174 -29.02 11.78 -0.64
CA LYS A 174 -28.84 12.90 -1.54
C LYS A 174 -27.71 13.72 -0.97
N LEU A 175 -26.85 14.25 -1.83
CA LEU A 175 -25.79 15.12 -1.40
C LEU A 175 -25.93 16.49 -2.04
N ASP A 176 -25.57 17.50 -1.28
CA ASP A 176 -25.37 18.86 -1.76
C ASP A 176 -24.23 18.93 -2.81
N LEU A 177 -24.18 20.02 -3.57
CA LEU A 177 -23.13 20.18 -4.59
C LEU A 177 -21.68 20.12 -4.05
N PRO A 178 -21.35 20.85 -2.96
CA PRO A 178 -20.00 20.70 -2.40
C PRO A 178 -19.62 19.25 -2.06
N GLY A 179 -20.52 18.52 -1.40
CA GLY A 179 -20.31 17.13 -1.02
C GLY A 179 -20.12 16.18 -2.18
N LEU A 180 -20.87 16.40 -3.26
CA LEU A 180 -20.77 15.56 -4.43
C LEU A 180 -19.46 15.84 -5.17
N GLU A 181 -19.08 17.12 -5.22
CA GLU A 181 -17.77 17.54 -5.73
C GLU A 181 -16.64 16.90 -4.93
N ASN A 182 -16.74 16.98 -3.60
CA ASN A 182 -15.72 16.48 -2.67
C ASN A 182 -15.50 14.97 -2.84
N MET A 183 -16.60 14.25 -3.01
CA MET A 183 -16.57 12.82 -3.23
C MET A 183 -15.74 12.44 -4.49
N HIS A 184 -16.05 13.06 -5.62
CA HIS A 184 -15.34 12.82 -6.88
C HIS A 184 -13.89 13.30 -6.89
N ILE A 185 -13.64 14.39 -6.19
CA ILE A 185 -12.31 14.99 -6.15
C ILE A 185 -11.39 14.03 -5.41
N ARG A 186 -11.92 13.38 -4.38
CA ARG A 186 -11.13 12.39 -3.65
C ARG A 186 -11.04 11.04 -4.38
N LYS A 187 -12.19 10.49 -4.77
CA LYS A 187 -12.29 9.16 -5.40
C LYS A 187 -11.48 8.97 -6.65
N THR A 188 -11.57 9.92 -7.57
CA THR A 188 -10.88 9.80 -8.83
C THR A 188 -10.01 11.00 -9.08
N GLY A 189 -10.37 12.15 -8.53
CA GLY A 189 -9.61 13.36 -8.85
C GLY A 189 -8.15 13.31 -8.37
N ALA A 190 -7.96 12.75 -7.17
CA ALA A 190 -6.64 12.76 -6.51
C ALA A 190 -5.58 12.00 -7.31
N LEU A 191 -5.93 10.79 -7.74
CA LEU A 191 -5.05 9.98 -8.55
C LEU A 191 -4.77 10.59 -9.92
N ILE A 192 -5.76 11.27 -10.49
CA ILE A 192 -5.57 11.96 -11.77
C ILE A 192 -4.61 13.16 -11.62
N ARG A 193 -4.82 13.92 -10.55
CA ARG A 193 -3.92 15.03 -10.18
C ARG A 193 -2.50 14.51 -9.91
N ALA A 194 -2.41 13.36 -9.24
CA ALA A 194 -1.11 12.71 -9.03
C ALA A 194 -0.39 12.35 -10.33
N SER A 195 -1.12 11.83 -11.33
CA SER A 195 -0.52 11.50 -12.61
C SER A 195 0.20 12.70 -13.20
N VAL A 196 -0.41 13.87 -13.07
CA VAL A 196 0.15 15.08 -13.62
C VAL A 196 1.28 15.62 -12.71
N ARG A 197 1.05 15.62 -11.42
CA ARG A 197 2.04 16.13 -10.46
C ARG A 197 3.36 15.29 -10.51
N LEU A 198 3.23 13.96 -10.61
CA LEU A 198 4.42 13.10 -10.79
C LEU A 198 5.31 13.52 -11.94
N ALA A 199 4.69 13.87 -13.07
CA ALA A 199 5.45 14.37 -14.20
C ALA A 199 6.16 15.71 -13.91
N CYS A 200 5.45 16.62 -13.25
CA CYS A 200 6.05 17.91 -12.82
C CYS A 200 7.28 17.75 -11.90
N LEU A 201 7.22 16.76 -11.00
CA LEU A 201 8.33 16.46 -10.09
C LEU A 201 9.53 15.83 -10.79
N ALA A 202 9.36 15.40 -12.04
CA ALA A 202 10.45 14.92 -12.87
C ALA A 202 11.17 16.03 -13.64
N ARG A 203 10.79 17.27 -13.33
CA ARG A 203 11.44 18.44 -13.89
C ARG A 203 12.04 19.27 -12.75
N PRO A 204 13.32 19.00 -12.39
CA PRO A 204 13.93 19.74 -11.26
C PRO A 204 13.89 21.26 -11.43
N GLY A 205 13.45 21.95 -10.39
CA GLY A 205 13.36 23.42 -10.43
C GLY A 205 12.15 24.01 -11.13
N LEU A 206 11.18 23.17 -11.50
CA LEU A 206 9.97 23.65 -12.15
C LEU A 206 9.27 24.59 -11.19
N PRO A 207 8.93 25.81 -11.65
CA PRO A 207 8.31 26.79 -10.77
C PRO A 207 6.95 26.34 -10.26
N ALA A 208 6.60 26.76 -9.05
CA ALA A 208 5.33 26.40 -8.43
C ALA A 208 4.11 26.78 -9.28
N GLU A 209 4.19 27.92 -9.96
CA GLU A 209 3.11 28.36 -10.84
C GLU A 209 2.80 27.33 -11.96
N GLN A 210 3.82 26.66 -12.52
CA GLN A 210 3.59 25.64 -13.53
C GLN A 210 2.98 24.37 -12.91
N PHE A 211 3.42 23.99 -11.72
CA PHE A 211 2.78 22.92 -10.94
C PHE A 211 1.30 23.18 -10.78
N ASP A 212 0.96 24.41 -10.37
CA ASP A 212 -0.42 24.76 -10.04
C ASP A 212 -1.31 24.86 -11.27
N ARG A 213 -0.76 25.36 -12.37
CA ARG A 213 -1.50 25.42 -13.64
C ARG A 213 -1.88 24.01 -14.09
N LEU A 214 -0.91 23.13 -14.06
CA LEU A 214 -1.13 21.76 -14.51
C LEU A 214 -2.04 21.00 -13.55
N ASP A 215 -1.94 21.30 -12.25
CA ASP A 215 -2.83 20.71 -11.26
C ASP A 215 -4.25 21.17 -11.44
N HIS A 216 -4.42 22.45 -11.77
CA HIS A 216 -5.76 22.99 -11.94
C HIS A 216 -6.42 22.38 -13.18
N TYR A 217 -5.61 22.22 -14.23
CA TYR A 217 -6.02 21.51 -15.43
C TYR A 217 -6.50 20.10 -15.06
N ALA A 218 -5.74 19.40 -14.20
CA ALA A 218 -6.05 18.01 -13.83
C ALA A 218 -7.31 17.88 -12.98
N LYS A 219 -7.46 18.78 -12.02
CA LYS A 219 -8.61 18.83 -11.16
C LYS A 219 -9.89 19.08 -11.98
N CYS A 220 -9.86 20.05 -12.89
CA CYS A 220 -11.04 20.40 -13.67
C CYS A 220 -11.41 19.33 -14.71
N ILE A 221 -10.42 18.72 -15.39
CA ILE A 221 -10.78 17.64 -16.32
C ILE A 221 -11.39 16.43 -15.60
N GLY A 222 -10.86 16.10 -14.42
CA GLY A 222 -11.36 15.02 -13.58
C GLY A 222 -12.83 15.23 -13.23
N LEU A 223 -13.16 16.42 -12.73
CA LEU A 223 -14.55 16.75 -12.44
C LEU A 223 -15.43 16.79 -13.69
N ALA A 224 -14.91 17.34 -14.79
CA ALA A 224 -15.70 17.47 -16.03
C ALA A 224 -16.11 16.11 -16.61
N PHE A 225 -15.16 15.17 -16.59
CA PHE A 225 -15.37 13.78 -16.98
C PHE A 225 -16.50 13.13 -16.16
N GLN A 226 -16.46 13.32 -14.84
CA GLN A 226 -17.43 12.74 -13.92
C GLN A 226 -18.83 13.36 -14.07
N ILE A 227 -18.88 14.66 -14.30
CA ILE A 227 -20.16 15.33 -14.57
C ILE A 227 -20.73 14.82 -15.90
N GLN A 228 -19.87 14.74 -16.93
CA GLN A 228 -20.26 14.23 -18.25
C GLN A 228 -20.74 12.75 -18.24
N ASP A 229 -20.09 11.92 -17.44
CA ASP A 229 -20.54 10.53 -17.19
C ASP A 229 -21.98 10.48 -16.74
N ASP A 230 -22.32 11.32 -15.75
CA ASP A 230 -23.66 11.39 -15.17
C ASP A 230 -24.70 11.89 -16.17
N ILE A 231 -24.34 12.93 -16.93
CA ILE A 231 -25.19 13.46 -18.01
C ILE A 231 -25.53 12.35 -19.01
N LEU A 232 -24.52 11.61 -19.43
CA LEU A 232 -24.68 10.46 -20.33
C LEU A 232 -25.48 9.30 -19.73
N ASP A 233 -25.34 9.07 -18.43
CA ASP A 233 -26.14 8.05 -17.72
C ASP A 233 -27.61 8.42 -17.68
N GLU A 234 -27.89 9.67 -17.31
CA GLU A 234 -29.24 10.24 -17.28
C GLU A 234 -29.95 10.17 -18.66
N GLU A 235 -29.20 10.36 -19.73
CA GLU A 235 -29.78 10.40 -21.07
C GLU A 235 -30.17 9.04 -21.65
N SER A 236 -29.84 7.95 -20.97
CA SER A 236 -30.26 6.61 -21.41
C SER A 236 -30.61 5.70 -20.23
N ASP A 237 -31.86 5.24 -20.22
CA ASP A 237 -32.36 4.41 -19.11
C ASP A 237 -32.99 3.09 -19.57
N LYS A 253 -28.01 6.46 -5.86
CA LYS A 253 -26.78 7.24 -5.79
C LYS A 253 -26.97 8.67 -6.30
N PRO A 254 -26.42 9.66 -5.57
CA PRO A 254 -26.48 11.06 -6.01
C PRO A 254 -25.70 11.32 -7.30
N ASN A 255 -26.17 12.29 -8.07
CA ASN A 255 -25.58 12.61 -9.36
C ASN A 255 -25.90 14.04 -9.73
N TYR A 256 -25.13 14.58 -10.68
CA TYR A 256 -25.23 15.99 -11.10
C TYR A 256 -26.60 16.37 -11.73
N PRO A 257 -27.10 15.60 -12.73
CA PRO A 257 -28.42 15.99 -13.27
C PRO A 257 -29.56 15.98 -12.26
N ALA A 258 -29.51 15.08 -11.28
CA ALA A 258 -30.55 14.97 -10.27
C ALA A 258 -30.49 16.12 -9.28
N LEU A 259 -29.29 16.63 -9.03
CA LEU A 259 -29.14 17.71 -8.08
C LEU A 259 -29.38 19.07 -8.71
N LEU A 260 -28.94 19.26 -9.96
CA LEU A 260 -28.91 20.59 -10.57
C LEU A 260 -29.96 20.81 -11.66
N GLY A 261 -30.50 19.72 -12.18
CA GLY A 261 -31.21 19.74 -13.43
C GLY A 261 -30.22 19.35 -14.50
N LEU A 262 -30.72 18.75 -15.58
CA LEU A 262 -29.89 18.37 -16.71
C LEU A 262 -29.14 19.58 -17.28
N SER A 263 -29.83 20.73 -17.34
CA SER A 263 -29.26 21.98 -17.82
C SER A 263 -28.17 22.52 -16.93
N GLY A 264 -28.44 22.50 -15.62
CA GLY A 264 -27.47 22.88 -14.60
C GLY A 264 -26.20 22.05 -14.73
N ALA A 265 -26.37 20.74 -14.87
CA ALA A 265 -25.26 19.80 -14.99
C ALA A 265 -24.45 19.98 -16.27
N LYS A 266 -25.14 20.14 -17.40
CA LYS A 266 -24.47 20.39 -18.70
C LYS A 266 -23.62 21.65 -18.66
N GLU A 267 -24.17 22.68 -18.01
CA GLU A 267 -23.50 23.96 -17.84
C GLU A 267 -22.26 23.83 -16.95
N LYS A 268 -22.36 23.04 -15.87
CA LYS A 268 -21.23 22.80 -14.98
C LYS A 268 -20.10 22.00 -15.67
N ALA A 269 -20.47 20.99 -16.47
CA ALA A 269 -19.54 20.23 -17.32
C ALA A 269 -18.75 21.15 -18.25
N GLU A 270 -19.48 22.05 -18.90
CA GLU A 270 -18.92 23.06 -19.79
C GLU A 270 -17.93 23.98 -19.05
N GLU A 271 -18.35 24.51 -17.91
CA GLU A 271 -17.53 25.41 -17.10
C GLU A 271 -16.23 24.76 -16.64
N MET A 272 -16.35 23.52 -16.17
CA MET A 272 -15.15 22.73 -15.80
C MET A 272 -14.20 22.53 -16.99
N HIS A 273 -14.74 22.19 -18.16
CA HIS A 273 -13.90 22.03 -19.36
C HIS A 273 -13.13 23.31 -19.67
N GLU A 274 -13.83 24.45 -19.64
CA GLU A 274 -13.21 25.74 -19.95
C GLU A 274 -12.17 26.13 -18.90
N ALA A 275 -12.48 25.92 -17.63
CA ALA A 275 -11.52 26.22 -16.54
C ALA A 275 -10.24 25.40 -16.67
N ALA A 276 -10.37 24.15 -17.14
CA ALA A 276 -9.20 23.31 -17.35
C ALA A 276 -8.33 23.88 -18.46
N LEU A 277 -8.94 24.38 -19.54
CA LEU A 277 -8.18 24.95 -20.65
C LEU A 277 -7.62 26.34 -20.32
N GLU A 278 -8.30 27.08 -19.46
CA GLU A 278 -7.79 28.38 -19.00
C GLU A 278 -6.47 28.24 -18.26
N SER A 279 -6.30 27.14 -17.54
CA SER A 279 -5.11 26.87 -16.75
C SER A 279 -3.86 26.74 -17.61
N LEU A 280 -4.04 26.36 -18.87
CA LEU A 280 -2.93 26.16 -19.79
C LEU A 280 -2.55 27.46 -20.49
N ALA A 281 -2.78 28.57 -19.78
CA ALA A 281 -2.57 29.92 -20.29
C ALA A 281 -1.15 30.14 -20.77
N GLY A 282 -1.06 30.60 -22.00
CA GLY A 282 0.18 31.05 -22.60
C GLY A 282 1.11 30.04 -23.22
N PHE A 283 0.81 28.77 -23.01
N PHE A 283 0.82 28.76 -23.02
CA PHE A 283 1.63 27.75 -23.60
CA PHE A 283 1.70 27.74 -23.54
C PHE A 283 1.47 27.90 -25.08
C PHE A 283 1.61 27.88 -25.03
N GLY A 284 2.50 27.51 -25.81
N GLY A 284 0.47 28.38 -25.47
CA GLY A 284 2.47 27.60 -27.24
CA GLY A 284 0.20 28.46 -26.87
C GLY A 284 1.80 26.35 -27.75
C GLY A 284 0.22 27.06 -27.38
N PRO A 285 2.09 26.01 -28.98
N PRO A 285 1.00 26.82 -28.42
CA PRO A 285 1.48 24.83 -29.57
CA PRO A 285 1.12 25.54 -29.10
C PRO A 285 1.98 23.78 -28.63
C PRO A 285 1.76 24.47 -28.31
N GLU A 286 2.81 24.23 -27.70
N GLU A 286 2.52 24.84 -27.31
CA GLU A 286 3.41 23.35 -26.73
CA GLU A 286 3.29 23.84 -26.60
C GLU A 286 2.33 22.64 -25.93
C GLU A 286 2.35 22.80 -26.00
N ALA A 287 1.28 23.31 -25.48
CA ALA A 287 0.24 22.52 -24.84
C ALA A 287 -0.93 22.04 -25.71
N ASP A 288 -0.71 21.87 -27.01
CA ASP A 288 -1.78 21.38 -27.87
C ASP A 288 -2.21 19.96 -27.53
N LEU A 289 -1.26 19.13 -27.12
CA LEU A 289 -1.57 17.75 -26.74
C LEU A 289 -2.50 17.66 -25.54
N LEU A 290 -2.25 18.47 -24.52
CA LEU A 290 -3.13 18.48 -23.34
C LEU A 290 -4.52 19.03 -23.63
N ARG A 291 -4.60 20.05 -24.50
CA ARG A 291 -5.90 20.54 -24.94
C ARG A 291 -6.70 19.44 -25.67
N GLU A 292 -6.03 18.77 -26.61
CA GLU A 292 -6.62 17.69 -27.39
C GLU A 292 -7.02 16.49 -26.51
N LEU A 293 -6.19 16.16 -25.52
CA LEU A 293 -6.52 15.13 -24.53
C LEU A 293 -7.75 15.42 -23.69
N ALA A 294 -7.92 16.67 -23.27
CA ALA A 294 -9.07 17.11 -22.49
C ALA A 294 -10.36 16.97 -23.28
N ARG A 295 -10.31 17.38 -24.55
CA ARG A 295 -11.45 17.23 -25.48
C ARG A 295 -11.78 15.73 -25.63
N PHE A 296 -10.74 14.92 -25.74
CA PHE A 296 -10.87 13.48 -25.85
C PHE A 296 -11.37 12.76 -24.57
N ILE A 297 -10.81 13.13 -23.40
CA ILE A 297 -11.18 12.54 -22.11
C ILE A 297 -12.61 12.87 -21.71
N ILE A 298 -12.99 14.14 -21.88
CA ILE A 298 -14.31 14.64 -21.46
C ILE A 298 -15.42 14.12 -22.36
N GLN A 299 -15.16 14.08 -23.67
CA GLN A 299 -16.21 13.77 -24.63
C GLN A 299 -16.26 12.32 -25.14
N ARG A 300 -15.10 11.71 -25.38
CA ARG A 300 -15.06 10.36 -25.94
C ARG A 300 -14.85 9.27 -24.88
N GLN A 301 -13.87 9.48 -23.99
CA GLN A 301 -13.56 8.52 -22.91
C GLN A 301 -14.61 8.43 -21.80
N SER A 302 -15.55 9.37 -21.80
CA SER A 302 -16.69 9.37 -20.88
C SER A 302 -17.89 8.59 -21.41
N ALA A 303 -18.10 8.65 -22.73
CA ALA A 303 -19.17 7.91 -23.41
C ALA A 303 -18.69 6.54 -23.91
N GLU A 304 -18.04 5.77 -23.03
CA GLU A 304 -17.34 4.54 -23.44
C GLU A 304 -18.04 3.22 -23.13
N ASN A 305 -18.19 2.88 -21.85
CA ASN A 305 -18.93 1.66 -21.49
C ASN A 305 -20.45 1.80 -21.70
N LEU A 306 -20.87 3.01 -22.04
CA LEU A 306 -22.20 3.29 -22.56
C LEU A 306 -22.28 2.99 -24.06
N TYR A 307 -21.19 3.27 -24.78
CA TYR A 307 -21.08 3.03 -26.23
C TYR A 307 -21.20 1.55 -26.58
N PHE A 308 -20.62 0.69 -25.75
CA PHE A 308 -20.51 -0.74 -26.04
C PHE A 308 -21.40 -1.64 -25.15
N GLN A 309 -22.55 -1.12 -24.75
CA GLN A 309 -23.55 -1.87 -23.98
C GLN A 309 -24.97 -1.55 -24.43
N ASN B 4 18.43 -6.17 36.59
CA ASN B 4 18.56 -7.35 35.68
C ASN B 4 17.85 -7.11 34.34
N PRO B 5 18.40 -7.66 33.23
CA PRO B 5 17.84 -7.36 31.91
C PRO B 5 16.36 -7.78 31.67
N GLU B 6 15.85 -8.74 32.44
CA GLU B 6 14.46 -9.20 32.25
C GLU B 6 13.42 -8.20 32.77
N ARG B 7 13.77 -7.52 33.86
CA ARG B 7 12.96 -6.44 34.41
C ARG B 7 13.07 -5.22 33.50
N SER B 8 14.29 -4.96 33.02
CA SER B 8 14.53 -3.92 32.03
C SER B 8 13.75 -4.17 30.73
N LEU B 9 13.62 -5.43 30.32
CA LEU B 9 12.82 -5.76 29.14
C LEU B 9 11.37 -5.43 29.43
N SER B 10 10.85 -5.93 30.55
CA SER B 10 9.46 -5.73 30.92
C SER B 10 9.08 -4.24 31.00
N ASP B 11 9.98 -3.43 31.57
CA ASP B 11 9.82 -1.99 31.66
C ASP B 11 9.84 -1.35 30.27
N PHE B 12 10.79 -1.82 29.45
CA PHE B 12 10.93 -1.30 28.12
C PHE B 12 9.67 -1.63 27.31
N MET B 13 9.15 -2.85 27.46
CA MET B 13 7.95 -3.28 26.73
C MET B 13 6.73 -2.44 27.04
N ARG B 14 6.42 -2.33 28.32
CA ARG B 14 5.25 -1.59 28.80
C ARG B 14 5.31 -0.15 28.30
N SER B 15 6.46 0.49 28.49
CA SER B 15 6.69 1.87 28.07
C SER B 15 6.59 2.07 26.54
N SER B 16 7.17 1.17 25.75
CA SER B 16 7.13 1.26 24.30
C SER B 16 5.72 1.03 23.73
N GLN B 17 4.97 0.15 24.37
CA GLN B 17 3.60 -0.12 23.96
C GLN B 17 2.68 1.09 24.18
N GLU B 18 2.91 1.83 25.25
CA GLU B 18 2.18 3.08 25.48
C GLU B 18 2.62 4.18 24.52
N ARG B 19 3.93 4.28 24.28
CA ARG B 19 4.49 5.27 23.35
C ARG B 19 4.01 5.03 21.91
N VAL B 20 3.99 3.78 21.46
CA VAL B 20 3.46 3.46 20.13
C VAL B 20 1.92 3.66 20.04
N GLU B 21 1.20 3.39 21.13
CA GLU B 21 -0.25 3.56 21.14
C GLU B 21 -0.62 5.02 20.83
N ARG B 22 0.11 5.95 21.45
CA ARG B 22 -0.07 7.39 21.23
C ARG B 22 0.42 7.83 19.86
N ALA B 23 1.47 7.17 19.37
CA ALA B 23 2.05 7.56 18.09
C ALA B 23 1.15 7.11 16.93
N LEU B 24 0.51 5.95 17.08
CA LEU B 24 -0.47 5.45 16.11
C LEU B 24 -1.72 6.33 16.07
N ASP B 25 -2.25 6.66 17.24
CA ASP B 25 -3.39 7.58 17.41
C ASP B 25 -3.11 8.94 16.75
N ALA B 26 -1.91 9.48 16.97
CA ALA B 26 -1.50 10.73 16.36
C ALA B 26 -1.40 10.67 14.83
N ARG B 27 -1.19 9.47 14.26
CA ARG B 27 -1.06 9.33 12.81
C ARG B 27 -2.32 8.75 12.14
N LEU B 28 -3.33 8.42 12.93
CA LEU B 28 -4.57 7.92 12.35
C LEU B 28 -5.57 9.07 12.19
N PRO B 29 -6.22 9.17 11.01
CA PRO B 29 -7.20 10.25 10.80
C PRO B 29 -8.37 10.13 11.79
N ALA B 30 -8.84 11.26 12.29
CA ALA B 30 -9.83 11.34 13.38
C ALA B 30 -11.14 10.58 13.12
N ALA B 31 -11.69 10.04 14.22
CA ALA B 31 -12.91 9.25 14.22
C ALA B 31 -14.16 10.07 13.85
N ASP B 32 -14.09 11.38 14.09
CA ASP B 32 -15.20 12.30 13.81
C ASP B 32 -15.06 13.10 12.50
N ARG B 33 -14.00 12.84 11.75
CA ARG B 33 -13.83 13.49 10.47
C ARG B 33 -14.18 12.54 9.34
N MET B 34 -14.56 13.12 8.21
CA MET B 34 -15.03 12.39 7.04
C MET B 34 -13.86 11.74 6.30
N PRO B 35 -14.01 10.49 5.80
CA PRO B 35 -15.12 9.53 6.00
C PRO B 35 -15.07 8.82 7.37
N GLU B 36 -16.18 8.87 8.10
CA GLU B 36 -16.22 8.51 9.52
C GLU B 36 -16.13 7.01 9.83
N ARG B 37 -16.99 6.23 9.18
CA ARG B 37 -17.00 4.79 9.31
C ARG B 37 -15.64 4.17 8.93
N LEU B 38 -15.06 4.62 7.82
CA LEU B 38 -13.72 4.18 7.38
C LEU B 38 -12.65 4.52 8.43
N HIS B 39 -12.67 5.75 8.93
CA HIS B 39 -11.69 6.17 9.95
C HIS B 39 -11.80 5.38 11.25
N GLN B 40 -13.03 5.09 11.64
CA GLN B 40 -13.29 4.34 12.86
C GLN B 40 -12.94 2.85 12.70
N ALA B 41 -13.00 2.34 11.47
CA ALA B 41 -12.68 0.94 11.20
C ALA B 41 -11.16 0.71 11.27
N MET B 42 -10.40 1.65 10.72
CA MET B 42 -8.94 1.65 10.81
C MET B 42 -8.47 1.74 12.26
N ARG B 43 -9.07 2.68 13.00
CA ARG B 43 -8.80 2.86 14.43
C ARG B 43 -9.21 1.66 15.29
N TYR B 44 -10.29 0.98 14.91
CA TYR B 44 -10.81 -0.17 15.65
C TYR B 44 -9.82 -1.33 15.55
N SER B 45 -9.22 -1.47 14.38
CA SER B 45 -8.24 -2.51 14.12
C SER B 45 -6.84 -2.18 14.63
N VAL B 46 -6.44 -0.92 14.59
CA VAL B 46 -5.07 -0.55 14.98
C VAL B 46 -4.91 -0.32 16.48
N LEU B 47 -5.88 0.35 17.10
CA LEU B 47 -5.69 0.84 18.46
C LEU B 47 -6.26 -0.13 19.50
N GLY B 48 -5.94 0.15 20.76
CA GLY B 48 -6.44 -0.64 21.88
C GLY B 48 -5.57 -1.84 22.25
N GLY B 49 -4.28 -1.76 21.93
CA GLY B 49 -3.34 -2.82 22.28
C GLY B 49 -3.07 -3.84 21.18
N GLY B 50 -2.56 -5.00 21.60
CA GLY B 50 -1.91 -5.94 20.71
C GLY B 50 -0.48 -6.03 21.19
N LYS B 51 0.25 -7.05 20.77
CA LYS B 51 1.60 -7.28 21.27
C LYS B 51 2.62 -6.23 20.83
N ARG B 52 2.38 -5.58 19.68
CA ARG B 52 3.27 -4.56 19.11
C ARG B 52 4.69 -5.09 18.89
N MET B 53 4.78 -6.34 18.41
CA MET B 53 6.08 -6.99 18.28
C MET B 53 6.98 -6.24 17.32
N ARG B 54 6.43 -5.83 16.17
CA ARG B 54 7.24 -5.13 15.18
C ARG B 54 7.77 -3.75 15.65
N PRO B 55 6.91 -2.90 16.27
CA PRO B 55 7.39 -1.67 16.92
C PRO B 55 8.42 -1.92 18.01
N LEU B 56 8.21 -2.97 18.82
CA LEU B 56 9.18 -3.30 19.88
C LEU B 56 10.54 -3.58 19.26
N LEU B 57 10.56 -4.37 18.19
CA LEU B 57 11.78 -4.60 17.44
C LEU B 57 12.39 -3.29 16.92
N THR B 58 11.56 -2.39 16.37
CA THR B 58 12.08 -1.09 15.91
C THR B 58 12.69 -0.29 17.09
N TYR B 59 11.93 -0.13 18.16
CA TYR B 59 12.41 0.65 19.31
C TYR B 59 13.62 -0.02 19.98
N ALA B 60 13.59 -1.34 20.14
CA ALA B 60 14.71 -2.04 20.78
C ALA B 60 15.97 -1.99 19.95
N THR B 61 15.84 -2.13 18.63
CA THR B 61 16.99 -2.01 17.74
C THR B 61 17.58 -0.59 17.81
N GLY B 62 16.72 0.42 17.80
CA GLY B 62 17.17 1.81 17.85
C GLY B 62 17.97 2.14 19.10
N GLN B 63 17.46 1.67 20.23
CA GLN B 63 18.13 1.86 21.52
C GLN B 63 19.51 1.18 21.53
N THR B 64 19.60 0.05 20.84
CA THR B 64 20.83 -0.74 20.79
C THR B 64 21.93 -0.03 20.03
N ILE B 65 21.57 0.59 18.91
CA ILE B 65 22.56 1.28 18.07
C ILE B 65 22.60 2.80 18.37
N GLY B 66 21.85 3.25 19.37
CA GLY B 66 21.93 4.66 19.80
C GLY B 66 21.15 5.68 18.99
N VAL B 67 20.01 5.28 18.44
CA VAL B 67 19.12 6.20 17.75
C VAL B 67 18.08 6.66 18.76
N ALA B 68 17.85 7.96 18.81
CA ALA B 68 16.86 8.53 19.69
C ALA B 68 15.48 8.02 19.26
N ALA B 69 14.62 7.79 20.23
CA ALA B 69 13.29 7.21 20.00
C ALA B 69 12.38 8.09 19.17
N ASP B 70 12.58 9.40 19.26
CA ASP B 70 11.89 10.37 18.43
C ASP B 70 11.97 10.10 16.93
N LEU B 71 13.13 9.63 16.47
CA LEU B 71 13.32 9.28 15.06
C LEU B 71 12.67 7.95 14.67
N LEU B 72 12.19 7.21 15.66
CA LEU B 72 11.72 5.83 15.47
C LEU B 72 10.21 5.69 15.55
N ASP B 73 9.52 6.67 16.11
CA ASP B 73 8.06 6.66 16.18
C ASP B 73 7.40 6.43 14.80
N GLY B 74 7.81 7.21 13.81
CA GLY B 74 7.31 7.10 12.44
C GLY B 74 7.52 5.73 11.83
N PRO B 75 8.78 5.24 11.76
CA PRO B 75 9.01 3.89 11.23
C PRO B 75 8.31 2.78 12.03
N ALA B 76 8.19 2.93 13.36
CA ALA B 76 7.48 1.93 14.17
C ALA B 76 5.99 1.87 13.84
N CYS B 77 5.36 3.04 13.67
CA CYS B 77 3.97 3.09 13.23
C CYS B 77 3.75 2.54 11.84
N ALA B 78 4.70 2.83 10.92
CA ALA B 78 4.64 2.40 9.53
C ALA B 78 4.61 0.89 9.43
N VAL B 79 5.50 0.21 10.17
CA VAL B 79 5.49 -1.26 10.13
C VAL B 79 4.26 -1.84 10.79
N GLU B 80 3.75 -1.18 11.83
CA GLU B 80 2.55 -1.64 12.51
C GLU B 80 1.28 -1.47 11.67
N PHE B 81 1.22 -0.37 10.90
CA PHE B 81 0.12 -0.14 9.96
C PHE B 81 0.06 -1.27 8.94
N ILE B 82 1.22 -1.62 8.37
CA ILE B 82 1.33 -2.70 7.39
C ILE B 82 0.86 -4.00 8.01
N HIS B 83 1.38 -4.33 9.19
CA HIS B 83 0.99 -5.55 9.93
C HIS B 83 -0.53 -5.63 10.12
N VAL B 84 -1.14 -4.55 10.62
CA VAL B 84 -2.60 -4.50 10.83
C VAL B 84 -3.39 -4.63 9.53
N TYR B 85 -2.98 -3.91 8.48
CA TYR B 85 -3.64 -4.04 7.20
C TYR B 85 -3.66 -5.53 6.74
N SER B 86 -2.52 -6.23 6.84
CA SER B 86 -2.44 -7.64 6.47
C SER B 86 -3.41 -8.50 7.27
N LEU B 87 -3.54 -8.24 8.58
CA LEU B 87 -4.52 -8.92 9.44
C LEU B 87 -5.97 -8.75 8.99
N ILE B 88 -6.38 -7.50 8.72
CA ILE B 88 -7.75 -7.18 8.29
C ILE B 88 -8.12 -7.97 7.04
N HIS B 89 -7.24 -7.95 6.03
CA HIS B 89 -7.49 -8.64 4.78
C HIS B 89 -7.41 -10.15 4.96
N ASP B 90 -6.43 -10.63 5.72
CA ASP B 90 -6.28 -12.07 5.99
C ASP B 90 -7.48 -12.66 6.72
N ASP B 91 -8.07 -11.89 7.65
CA ASP B 91 -9.30 -12.29 8.36
C ASP B 91 -10.56 -12.39 7.49
N LEU B 92 -10.51 -11.90 6.24
CA LEU B 92 -11.69 -11.94 5.37
C LEU B 92 -12.11 -13.36 4.99
N PRO B 93 -13.43 -13.59 4.83
CA PRO B 93 -14.02 -14.83 4.36
C PRO B 93 -13.26 -15.55 3.27
N ALA B 94 -12.81 -14.84 2.23
CA ALA B 94 -12.09 -15.49 1.14
C ALA B 94 -10.68 -15.96 1.51
N MET B 95 -10.21 -15.63 2.70
CA MET B 95 -8.90 -16.09 3.15
C MET B 95 -9.01 -16.92 4.43
N ASP B 96 -8.56 -16.39 5.57
CA ASP B 96 -8.50 -17.16 6.83
C ASP B 96 -9.85 -17.24 7.51
N ASP B 97 -10.74 -16.30 7.17
CA ASP B 97 -12.13 -16.27 7.68
C ASP B 97 -12.23 -16.24 9.22
N ASP B 98 -11.49 -15.34 9.84
CA ASP B 98 -11.53 -15.19 11.29
C ASP B 98 -12.69 -14.31 11.71
N ASP B 99 -13.48 -14.77 12.66
CA ASP B 99 -14.61 -13.99 13.19
C ASP B 99 -14.23 -13.21 14.45
N LEU B 100 -13.10 -13.56 15.05
CA LEU B 100 -12.66 -12.98 16.31
C LEU B 100 -11.16 -12.72 16.31
N ARG B 101 -10.75 -11.67 17.02
CA ARG B 101 -9.35 -11.26 17.16
C ARG B 101 -9.18 -10.48 18.45
N ARG B 102 -8.43 -11.06 19.38
CA ARG B 102 -8.12 -10.47 20.69
C ARG B 102 -9.35 -10.14 21.53
N GLY B 103 -10.24 -11.14 21.68
CA GLY B 103 -11.51 -11.03 22.43
C GLY B 103 -12.40 -9.91 21.94
N LYS B 104 -12.47 -9.78 20.62
CA LYS B 104 -13.07 -8.63 19.95
CA LYS B 104 -13.07 -8.63 19.95
C LYS B 104 -13.43 -9.06 18.54
N PRO B 105 -14.64 -8.69 18.06
CA PRO B 105 -14.96 -9.10 16.67
C PRO B 105 -13.99 -8.50 15.64
N THR B 106 -13.73 -9.23 14.55
CA THR B 106 -12.82 -8.75 13.49
C THR B 106 -13.44 -7.60 12.70
N CYS B 107 -12.61 -6.88 11.94
CA CYS B 107 -13.03 -5.67 11.23
C CYS B 107 -14.22 -5.87 10.28
N HIS B 108 -14.23 -6.99 9.54
CA HIS B 108 -15.34 -7.31 8.65
C HIS B 108 -16.63 -7.71 9.38
N LYS B 109 -16.50 -8.32 10.55
CA LYS B 109 -17.67 -8.64 11.37
C LYS B 109 -18.22 -7.39 12.03
N ALA B 110 -17.32 -6.58 12.61
CA ALA B 110 -17.68 -5.37 13.36
C ALA B 110 -18.25 -4.25 12.48
N TYR B 111 -17.88 -4.25 11.20
CA TYR B 111 -18.40 -3.30 10.21
C TYR B 111 -19.05 -4.07 9.05
N ASP B 112 -18.37 -4.16 7.93
CA ASP B 112 -18.79 -5.00 6.81
C ASP B 112 -17.54 -5.28 5.99
N GLU B 113 -17.66 -6.19 5.03
CA GLU B 113 -16.51 -6.60 4.23
C GLU B 113 -15.91 -5.50 3.37
N ALA B 114 -16.77 -4.61 2.86
CA ALA B 114 -16.35 -3.48 2.02
C ALA B 114 -15.50 -2.48 2.83
N THR B 115 -15.95 -2.21 4.05
CA THR B 115 -15.25 -1.31 4.96
C THR B 115 -13.91 -1.93 5.39
N ALA B 116 -13.88 -3.25 5.58
CA ALA B 116 -12.63 -3.97 5.91
C ALA B 116 -11.61 -3.91 4.78
N ILE B 117 -12.06 -4.18 3.56
CA ILE B 117 -11.20 -4.11 2.37
C ILE B 117 -10.56 -2.72 2.30
N LEU B 118 -11.39 -1.68 2.42
CA LEU B 118 -10.93 -0.29 2.35
C LEU B 118 -10.05 0.17 3.53
N ALA B 119 -10.38 -0.26 4.74
CA ALA B 119 -9.55 0.10 5.91
C ALA B 119 -8.14 -0.47 5.75
N GLY B 120 -8.04 -1.70 5.23
CA GLY B 120 -6.74 -2.33 4.96
C GLY B 120 -5.99 -1.61 3.85
N ASP B 121 -6.70 -1.32 2.76
CA ASP B 121 -6.16 -0.51 1.68
C ASP B 121 -5.65 0.86 2.15
N GLY B 122 -6.43 1.53 2.99
CA GLY B 122 -6.04 2.86 3.48
C GLY B 122 -4.85 2.83 4.42
N LEU B 123 -4.78 1.79 5.25
CA LEU B 123 -3.65 1.59 6.19
C LEU B 123 -2.33 1.36 5.45
N GLN B 124 -2.39 0.63 4.33
CA GLN B 124 -1.16 0.40 3.56
C GLN B 124 -0.63 1.71 2.98
N ALA B 125 -1.50 2.47 2.33
CA ALA B 125 -1.12 3.77 1.80
C ALA B 125 -0.60 4.75 2.87
N LEU B 126 -1.23 4.75 4.03
CA LEU B 126 -0.87 5.56 5.18
C LEU B 126 0.52 5.22 5.74
N ALA B 127 0.87 3.93 5.73
CA ALA B 127 2.22 3.52 6.13
C ALA B 127 3.25 4.26 5.30
N PHE B 128 3.04 4.29 3.99
CA PHE B 128 3.98 4.91 3.09
C PHE B 128 3.93 6.45 3.19
N HIS B 129 2.75 6.99 3.48
CA HIS B 129 2.57 8.44 3.74
C HIS B 129 3.39 8.86 4.97
N VAL B 130 3.32 8.04 6.04
CA VAL B 130 4.14 8.29 7.25
C VAL B 130 5.64 8.33 6.91
N LEU B 131 6.15 7.34 6.16
CA LEU B 131 7.58 7.31 5.86
C LEU B 131 8.03 8.46 4.95
N ALA B 132 7.20 8.82 3.98
CA ALA B 132 7.59 9.82 2.99
C ALA B 132 7.53 11.25 3.58
N GLN B 133 6.64 11.47 4.53
CA GLN B 133 6.26 12.83 4.90
C GLN B 133 6.49 13.21 6.37
N ASP B 134 6.46 12.22 7.27
CA ASP B 134 6.54 12.46 8.73
C ASP B 134 7.81 13.26 9.08
N PRO B 135 7.65 14.50 9.60
CA PRO B 135 8.81 15.35 9.81
C PRO B 135 9.66 14.92 11.01
N SER B 136 9.07 14.15 11.93
CA SER B 136 9.80 13.60 13.07
C SER B 136 10.83 12.53 12.65
N ILE B 137 10.67 11.95 11.46
CA ILE B 137 11.70 11.06 10.93
C ILE B 137 12.81 11.91 10.33
N ALA B 138 13.58 12.56 11.20
CA ALA B 138 14.55 13.56 10.77
C ALA B 138 15.88 12.90 10.36
N VAL B 139 15.87 12.29 9.17
CA VAL B 139 17.02 11.59 8.64
C VAL B 139 17.32 12.13 7.24
N PRO B 140 18.51 11.85 6.68
CA PRO B 140 18.82 12.30 5.33
C PRO B 140 17.88 11.71 4.28
N ALA B 141 17.73 12.43 3.18
CA ALA B 141 16.83 12.06 2.09
C ALA B 141 17.04 10.61 1.63
N GLU B 142 18.29 10.22 1.38
CA GLU B 142 18.62 8.86 0.96
C GLU B 142 18.14 7.77 1.91
N ASN B 143 18.25 8.04 3.20
CA ASN B 143 17.80 7.13 4.23
C ASN B 143 16.30 6.98 4.24
N ARG B 144 15.60 8.09 4.06
CA ARG B 144 14.16 8.07 4.01
C ARG B 144 13.69 7.23 2.81
N ILE B 145 14.33 7.43 1.67
CA ILE B 145 14.02 6.69 0.44
C ILE B 145 14.29 5.20 0.67
N ALA B 146 15.42 4.90 1.30
CA ALA B 146 15.75 3.52 1.64
C ALA B 146 14.74 2.87 2.58
N MET B 147 14.20 3.64 3.53
CA MET B 147 13.15 3.12 4.41
C MET B 147 11.89 2.72 3.65
N ILE B 148 11.53 3.56 2.69
CA ILE B 148 10.34 3.34 1.85
C ILE B 148 10.54 2.09 1.00
N GLU B 149 11.69 2.00 0.35
CA GLU B 149 12.03 0.82 -0.44
C GLU B 149 12.00 -0.45 0.39
N THR B 150 12.54 -0.36 1.62
CA THR B 150 12.53 -1.47 2.55
C THR B 150 11.13 -1.93 2.82
N LEU B 151 10.23 -0.99 3.13
CA LEU B 151 8.87 -1.37 3.50
C LEU B 151 8.11 -1.92 2.28
N ALA B 152 8.36 -1.35 1.11
CA ALA B 152 7.66 -1.79 -0.09
C ALA B 152 8.09 -3.20 -0.48
N LYS B 153 9.40 -3.50 -0.39
CA LYS B 153 9.92 -4.82 -0.76
C LYS B 153 9.45 -5.87 0.25
N ALA B 154 9.44 -5.51 1.53
CA ALA B 154 8.96 -6.41 2.58
C ALA B 154 7.44 -6.68 2.56
N SER B 155 6.66 -5.72 2.09
CA SER B 155 5.21 -5.86 2.16
C SER B 155 4.57 -6.43 0.88
N GLY B 156 5.29 -6.38 -0.24
CA GLY B 156 4.75 -6.67 -1.57
C GLY B 156 4.78 -8.13 -1.98
N PRO B 157 4.79 -8.39 -3.30
CA PRO B 157 4.71 -9.78 -3.79
C PRO B 157 5.94 -10.62 -3.46
N ALA B 158 7.10 -10.00 -3.27
CA ALA B 158 8.30 -10.76 -2.91
C ALA B 158 8.44 -10.92 -1.40
N GLY B 159 7.61 -10.19 -0.65
CA GLY B 159 7.53 -10.32 0.79
C GLY B 159 6.20 -10.84 1.28
N MET B 160 5.62 -10.10 2.23
CA MET B 160 4.40 -10.46 2.95
C MET B 160 3.20 -10.97 2.11
N VAL B 161 2.87 -10.23 1.04
CA VAL B 161 1.70 -10.55 0.19
C VAL B 161 1.91 -11.87 -0.55
N GLY B 162 3.06 -12.00 -1.20
CA GLY B 162 3.44 -13.24 -1.87
C GLY B 162 3.55 -14.42 -0.93
N GLY B 163 3.99 -14.17 0.31
CA GLY B 163 4.04 -15.22 1.32
C GLY B 163 2.67 -15.74 1.69
N GLN B 164 1.70 -14.83 1.71
CA GLN B 164 0.32 -15.23 1.97
C GLN B 164 -0.23 -16.05 0.79
N ALA B 165 0.11 -15.64 -0.43
CA ALA B 165 -0.22 -16.40 -1.65
C ALA B 165 0.38 -17.81 -1.64
N ILE B 166 1.64 -17.93 -1.22
CA ILE B 166 2.30 -19.24 -1.11
C ILE B 166 1.62 -20.11 -0.04
N ASP B 167 1.26 -19.49 1.08
CA ASP B 167 0.54 -20.14 2.17
C ASP B 167 -0.84 -20.71 1.75
N LEU B 168 -1.59 -19.95 0.96
CA LEU B 168 -2.87 -20.41 0.44
C LEU B 168 -2.71 -21.54 -0.58
N ALA B 169 -1.71 -21.44 -1.44
CA ALA B 169 -1.43 -22.43 -2.49
C ALA B 169 -0.87 -23.77 -1.97
N SER B 170 -0.61 -23.85 -0.66
CA SER B 170 -0.01 -25.03 -0.07
C SER B 170 -0.91 -25.69 0.98
N VAL B 171 -2.20 -25.39 0.96
CA VAL B 171 -3.12 -25.88 2.01
C VAL B 171 -3.33 -27.40 2.00
N GLY B 172 -3.23 -28.02 0.84
CA GLY B 172 -3.33 -29.48 0.78
C GLY B 172 -2.01 -30.18 0.52
N LYS B 173 -0.90 -29.48 0.75
CA LYS B 173 0.42 -29.93 0.29
C LYS B 173 1.42 -30.29 1.39
N LYS B 174 2.43 -31.06 1.00
CA LYS B 174 3.54 -31.43 1.86
C LYS B 174 4.81 -30.78 1.30
N LEU B 175 5.31 -29.77 2.01
CA LEU B 175 6.50 -29.05 1.60
C LEU B 175 7.70 -29.63 2.30
N ASP B 176 8.87 -29.53 1.67
CA ASP B 176 10.15 -29.83 2.30
C ASP B 176 10.49 -28.77 3.36
N LEU B 177 11.62 -28.94 4.05
CA LEU B 177 12.08 -27.93 5.01
C LEU B 177 12.41 -26.56 4.37
N PRO B 178 13.23 -26.52 3.29
CA PRO B 178 13.50 -25.21 2.69
C PRO B 178 12.22 -24.54 2.17
N GLY B 179 11.27 -25.34 1.70
CA GLY B 179 10.00 -24.86 1.17
C GLY B 179 9.09 -24.23 2.22
N LEU B 180 9.00 -24.88 3.38
CA LEU B 180 8.21 -24.34 4.48
C LEU B 180 8.88 -23.10 5.09
N GLU B 181 10.22 -23.14 5.17
CA GLU B 181 10.97 -21.98 5.65
C GLU B 181 10.76 -20.75 4.74
N ASN B 182 10.87 -20.96 3.43
CA ASN B 182 10.74 -19.88 2.42
C ASN B 182 9.42 -19.12 2.49
N MET B 183 8.35 -19.88 2.67
CA MET B 183 7.03 -19.36 2.86
C MET B 183 6.95 -18.48 4.11
N HIS B 184 7.48 -18.97 5.23
CA HIS B 184 7.46 -18.20 6.49
C HIS B 184 8.34 -16.95 6.45
N ILE B 185 9.49 -17.07 5.78
CA ILE B 185 10.45 -15.96 5.56
C ILE B 185 9.77 -14.83 4.77
N ARG B 186 8.98 -15.19 3.77
CA ARG B 186 8.27 -14.20 2.99
C ARG B 186 7.05 -13.63 3.72
N LYS B 187 6.19 -14.51 4.21
CA LYS B 187 4.91 -14.13 4.84
CA LYS B 187 4.92 -14.12 4.83
C LYS B 187 5.07 -13.29 6.11
N THR B 188 6.06 -13.63 6.93
CA THR B 188 6.20 -13.09 8.28
C THR B 188 7.58 -12.47 8.45
N GLY B 189 8.57 -13.15 7.91
CA GLY B 189 9.95 -12.76 8.11
C GLY B 189 10.33 -11.41 7.53
N ALA B 190 9.85 -11.11 6.32
CA ALA B 190 10.27 -9.89 5.63
C ALA B 190 9.88 -8.64 6.43
N LEU B 191 8.67 -8.63 7.01
CA LEU B 191 8.20 -7.44 7.73
C LEU B 191 8.90 -7.30 9.09
N ILE B 192 9.28 -8.44 9.70
CA ILE B 192 10.04 -8.42 10.96
C ILE B 192 11.43 -7.87 10.70
N ARG B 193 12.09 -8.34 9.65
CA ARG B 193 13.39 -7.81 9.26
C ARG B 193 13.30 -6.34 8.86
N ALA B 194 12.18 -5.96 8.25
CA ALA B 194 12.00 -4.53 7.87
C ALA B 194 11.98 -3.68 9.13
N SER B 195 11.32 -4.17 10.17
CA SER B 195 11.21 -3.40 11.43
C SER B 195 12.59 -3.06 12.02
N VAL B 196 13.51 -4.00 11.84
CA VAL B 196 14.86 -3.86 12.35
C VAL B 196 15.69 -2.97 11.42
N ARG B 197 15.55 -3.19 10.11
CA ARG B 197 16.29 -2.43 9.14
C ARG B 197 15.90 -0.94 9.15
N LEU B 198 14.62 -0.64 9.38
CA LEU B 198 14.16 0.76 9.45
C LEU B 198 14.89 1.55 10.53
N ALA B 199 15.02 0.93 11.71
CA ALA B 199 15.82 1.49 12.82
C ALA B 199 17.27 1.71 12.42
N CYS B 200 17.86 0.73 11.74
CA CYS B 200 19.23 0.86 11.25
C CYS B 200 19.40 2.05 10.30
N LEU B 201 18.40 2.28 9.44
CA LEU B 201 18.45 3.40 8.48
C LEU B 201 18.29 4.77 9.14
N ALA B 202 17.77 4.80 10.38
CA ALA B 202 17.73 6.05 11.16
C ALA B 202 19.03 6.36 11.92
N ARG B 203 20.07 5.57 11.65
CA ARG B 203 21.41 5.80 12.20
C ARG B 203 22.35 6.11 11.05
N PRO B 204 22.54 7.40 10.73
CA PRO B 204 23.39 7.73 9.57
C PRO B 204 24.81 7.13 9.67
N GLY B 205 25.25 6.45 8.62
CA GLY B 205 26.59 5.91 8.55
C GLY B 205 26.88 4.60 9.31
N LEU B 206 25.85 4.00 9.92
CA LEU B 206 25.94 2.68 10.58
C LEU B 206 26.64 1.69 9.66
N PRO B 207 27.72 1.03 10.14
CA PRO B 207 28.49 0.09 9.32
C PRO B 207 27.61 -1.03 8.75
N ALA B 208 27.98 -1.51 7.56
CA ALA B 208 27.22 -2.55 6.86
C ALA B 208 27.17 -3.85 7.68
N GLU B 209 28.26 -4.13 8.41
CA GLU B 209 28.30 -5.31 9.28
C GLU B 209 27.24 -5.26 10.37
N GLN B 210 26.89 -4.09 10.87
CA GLN B 210 25.85 -4.01 11.90
C GLN B 210 24.46 -4.22 11.32
N PHE B 211 24.21 -3.63 10.14
CA PHE B 211 22.98 -3.93 9.38
C PHE B 211 22.80 -5.45 9.30
N ASP B 212 23.81 -6.12 8.72
CA ASP B 212 23.77 -7.56 8.39
C ASP B 212 23.56 -8.42 9.63
N ARG B 213 24.27 -8.11 10.72
CA ARG B 213 24.09 -8.89 11.96
C ARG B 213 22.70 -8.75 12.53
N LEU B 214 22.18 -7.53 12.53
CA LEU B 214 20.89 -7.30 13.12
C LEU B 214 19.78 -7.86 12.23
N ASP B 215 19.98 -7.77 10.93
CA ASP B 215 19.13 -8.50 9.97
C ASP B 215 19.13 -10.02 10.20
N HIS B 216 20.31 -10.60 10.38
CA HIS B 216 20.39 -12.04 10.75
C HIS B 216 19.71 -12.37 12.07
N TYR B 217 19.87 -11.48 13.08
CA TYR B 217 19.12 -11.60 14.33
C TYR B 217 17.61 -11.63 14.04
N ALA B 218 17.18 -10.68 13.20
CA ALA B 218 15.75 -10.53 12.85
C ALA B 218 15.21 -11.77 12.13
N LYS B 219 15.98 -12.24 11.15
CA LYS B 219 15.64 -13.45 10.35
C LYS B 219 15.49 -14.69 11.23
N CYS B 220 16.47 -14.88 12.13
CA CYS B 220 16.47 -16.04 13.03
C CYS B 220 15.34 -15.99 14.06
N ILE B 221 15.05 -14.83 14.66
CA ILE B 221 13.91 -14.84 15.59
C ILE B 221 12.56 -15.05 14.89
N GLY B 222 12.45 -14.53 13.67
CA GLY B 222 11.23 -14.66 12.87
C GLY B 222 10.95 -16.13 12.58
N LEU B 223 11.99 -16.87 12.18
CA LEU B 223 11.81 -18.29 11.86
C LEU B 223 11.52 -19.09 13.11
N ALA B 224 12.31 -18.84 14.15
CA ALA B 224 12.21 -19.56 15.41
C ALA B 224 10.83 -19.45 16.07
N PHE B 225 10.22 -18.27 16.08
CA PHE B 225 8.95 -18.13 16.82
C PHE B 225 7.76 -18.86 16.17
N GLN B 226 7.78 -18.92 14.85
CA GLN B 226 6.76 -19.67 14.15
C GLN B 226 6.95 -21.19 14.27
N ILE B 227 8.20 -21.64 14.33
CA ILE B 227 8.49 -23.04 14.66
C ILE B 227 7.88 -23.32 16.04
N GLN B 228 8.13 -22.43 17.00
CA GLN B 228 7.56 -22.56 18.34
C GLN B 228 6.02 -22.49 18.41
N ASP B 229 5.40 -21.65 17.57
CA ASP B 229 3.95 -21.65 17.40
C ASP B 229 3.44 -23.05 17.04
N ASP B 230 4.12 -23.70 16.10
CA ASP B 230 3.74 -25.05 15.67
C ASP B 230 3.91 -26.07 16.78
N ILE B 231 5.01 -25.96 17.53
CA ILE B 231 5.31 -26.86 18.65
C ILE B 231 4.23 -26.80 19.72
N LEU B 232 3.78 -25.59 20.06
CA LEU B 232 2.76 -25.43 21.09
C LEU B 232 1.39 -25.94 20.61
N ASP B 233 1.12 -25.74 19.33
CA ASP B 233 -0.05 -26.32 18.65
C ASP B 233 -0.04 -27.85 18.67
N GLU B 234 1.09 -28.45 18.31
CA GLU B 234 1.27 -29.91 18.28
C GLU B 234 1.11 -30.51 19.68
N GLU B 235 1.73 -29.86 20.67
CA GLU B 235 1.61 -30.27 22.07
C GLU B 235 0.19 -30.11 22.62
N SER B 236 -0.54 -29.12 22.14
CA SER B 236 -1.89 -28.85 22.64
C SER B 236 -2.89 -29.95 22.30
N ASP B 237 -3.00 -30.29 21.01
CA ASP B 237 -3.97 -31.31 20.59
C ASP B 237 -3.57 -32.76 20.94
N THR B 238 -2.28 -33.00 21.18
CA THR B 238 -1.81 -34.33 21.61
C THR B 238 -1.63 -34.43 23.14
N GLN B 239 -2.27 -33.54 23.89
CA GLN B 239 -2.28 -33.62 25.36
C GLN B 239 -3.63 -33.31 25.99
N THR B 240 -4.70 -33.31 25.18
CA THR B 240 -6.05 -33.04 25.69
C THR B 240 -7.06 -34.09 25.21
N LEU B 241 -8.22 -34.12 25.89
CA LEU B 241 -9.30 -35.05 25.54
C LEU B 241 -10.36 -34.36 24.70
N LYS B 253 -2.50 -28.46 6.32
CA LYS B 253 -1.48 -27.40 6.33
C LYS B 253 -0.13 -27.89 6.84
N PRO B 254 0.94 -27.62 6.08
CA PRO B 254 2.29 -28.06 6.48
C PRO B 254 2.82 -27.32 7.71
N ASN B 255 3.45 -28.07 8.61
CA ASN B 255 3.99 -27.52 9.84
C ASN B 255 5.32 -28.19 10.18
N TYR B 256 6.05 -27.60 11.11
CA TYR B 256 7.38 -28.07 11.45
C TYR B 256 7.43 -29.44 12.16
N PRO B 257 6.57 -29.67 13.19
CA PRO B 257 6.66 -31.01 13.79
C PRO B 257 6.15 -32.14 12.89
N ALA B 258 5.19 -31.87 12.01
CA ALA B 258 4.74 -32.89 11.04
C ALA B 258 5.88 -33.28 10.10
N LEU B 259 6.62 -32.28 9.66
CA LEU B 259 7.75 -32.48 8.76
C LEU B 259 8.99 -33.10 9.42
N LEU B 260 9.29 -32.71 10.66
CA LEU B 260 10.58 -33.05 11.26
C LEU B 260 10.48 -33.97 12.46
N GLY B 261 9.27 -34.20 12.95
CA GLY B 261 9.08 -34.75 14.29
C GLY B 261 9.14 -33.62 15.31
N LEU B 262 8.54 -33.85 16.47
CA LEU B 262 8.51 -32.86 17.54
C LEU B 262 9.92 -32.50 18.05
N SER B 263 10.78 -33.50 18.24
CA SER B 263 12.17 -33.27 18.68
C SER B 263 13.00 -32.54 17.63
N GLY B 264 12.81 -32.91 16.37
CA GLY B 264 13.46 -32.19 15.27
C GLY B 264 13.03 -30.73 15.16
N ALA B 265 11.74 -30.48 15.37
CA ALA B 265 11.19 -29.12 15.39
C ALA B 265 11.74 -28.32 16.58
N LYS B 266 11.70 -28.91 17.76
CA LYS B 266 12.32 -28.34 18.96
C LYS B 266 13.78 -27.98 18.78
N GLU B 267 14.56 -28.88 18.19
CA GLU B 267 15.98 -28.63 17.93
C GLU B 267 16.22 -27.53 16.90
N LYS B 268 15.39 -27.51 15.86
CA LYS B 268 15.49 -26.47 14.84
C LYS B 268 15.24 -25.05 15.41
N ALA B 269 14.21 -24.90 16.24
CA ALA B 269 13.93 -23.61 16.90
C ALA B 269 15.11 -23.18 17.79
N GLU B 270 15.60 -24.13 18.61
CA GLU B 270 16.76 -23.92 19.47
C GLU B 270 17.99 -23.47 18.68
N GLU B 271 18.24 -24.09 17.53
CA GLU B 271 19.36 -23.72 16.68
C GLU B 271 19.24 -22.30 16.10
N MET B 272 18.03 -21.93 15.75
CA MET B 272 17.75 -20.58 15.28
C MET B 272 17.95 -19.56 16.41
N HIS B 273 17.46 -19.91 17.59
CA HIS B 273 17.62 -19.11 18.79
C HIS B 273 19.10 -18.85 19.08
N GLU B 274 19.93 -19.89 18.99
CA GLU B 274 21.38 -19.74 19.13
C GLU B 274 22.01 -18.82 18.12
N ALA B 275 21.58 -18.93 16.85
CA ALA B 275 22.12 -18.12 15.79
C ALA B 275 21.71 -16.63 15.97
N ALA B 276 20.50 -16.39 16.47
CA ALA B 276 20.03 -15.05 16.84
C ALA B 276 20.96 -14.37 17.85
N LEU B 277 21.27 -15.07 18.95
CA LEU B 277 22.15 -14.54 20.00
C LEU B 277 23.58 -14.34 19.52
N GLU B 278 24.05 -15.24 18.67
CA GLU B 278 25.41 -15.12 18.11
C GLU B 278 25.57 -13.94 17.13
N SER B 279 24.49 -13.59 16.42
CA SER B 279 24.43 -12.38 15.59
C SER B 279 24.75 -11.11 16.40
N LEU B 280 24.40 -11.11 17.67
CA LEU B 280 24.63 -9.97 18.54
C LEU B 280 26.06 -9.85 19.14
N ALA B 281 26.96 -10.76 18.77
CA ALA B 281 28.36 -10.73 19.25
C ALA B 281 29.12 -9.42 18.92
N GLY B 282 28.61 -8.65 17.97
CA GLY B 282 29.23 -7.37 17.64
C GLY B 282 28.78 -6.25 18.56
N PHE B 283 27.94 -6.58 19.52
CA PHE B 283 27.44 -5.60 20.48
C PHE B 283 27.73 -6.03 21.91
N GLY B 284 27.83 -5.06 22.81
CA GLY B 284 28.03 -5.32 24.23
C GLY B 284 26.72 -5.35 24.99
N PRO B 285 26.72 -4.85 26.26
CA PRO B 285 25.50 -4.90 27.08
C PRO B 285 24.36 -4.02 26.56
N GLU B 286 24.63 -3.07 25.65
CA GLU B 286 23.55 -2.30 24.95
C GLU B 286 22.62 -3.21 24.16
N ALA B 287 23.11 -4.41 23.83
CA ALA B 287 22.29 -5.40 23.15
C ALA B 287 21.62 -6.41 24.07
N ASP B 288 21.74 -6.23 25.39
CA ASP B 288 21.05 -7.10 26.35
C ASP B 288 19.55 -7.09 26.17
N LEU B 289 19.02 -5.93 25.80
CA LEU B 289 17.63 -5.78 25.49
C LEU B 289 17.20 -6.72 24.36
N LEU B 290 18.00 -6.79 23.29
CA LEU B 290 17.70 -7.70 22.17
C LEU B 290 17.85 -9.18 22.55
N ARG B 291 18.80 -9.46 23.44
CA ARG B 291 19.02 -10.80 23.97
C ARG B 291 17.79 -11.30 24.71
N GLU B 292 17.21 -10.44 25.55
CA GLU B 292 16.01 -10.78 26.30
C GLU B 292 14.76 -10.79 25.42
N LEU B 293 14.70 -9.86 24.47
CA LEU B 293 13.58 -9.79 23.54
C LEU B 293 13.50 -11.05 22.65
N ALA B 294 14.66 -11.56 22.19
CA ALA B 294 14.73 -12.85 21.49
C ALA B 294 14.00 -13.97 22.25
N ARG B 295 14.34 -14.17 23.53
CA ARG B 295 13.69 -15.19 24.35
C ARG B 295 12.19 -14.99 24.49
N PHE B 296 11.78 -13.76 24.78
CA PHE B 296 10.37 -13.42 24.96
C PHE B 296 9.53 -13.73 23.71
N ILE B 297 10.02 -13.30 22.56
CA ILE B 297 9.30 -13.48 21.29
C ILE B 297 9.26 -14.98 20.94
N ILE B 298 10.42 -15.64 21.01
CA ILE B 298 10.53 -17.05 20.61
C ILE B 298 9.68 -17.98 21.48
N GLN B 299 9.72 -17.80 22.80
CA GLN B 299 8.98 -18.66 23.72
CA GLN B 299 8.98 -18.67 23.72
C GLN B 299 7.49 -18.28 23.81
N ARG B 300 7.10 -17.25 23.05
CA ARG B 300 5.70 -16.79 22.92
C ARG B 300 5.09 -16.38 24.25
N GLN B 301 5.91 -15.79 25.11
CA GLN B 301 5.47 -15.45 26.46
C GLN B 301 4.54 -14.24 26.37
N SER B 302 3.58 -14.12 27.28
CA SER B 302 2.73 -12.93 27.31
C SER B 302 3.40 -11.81 28.08
N ALA B 303 2.91 -10.59 27.87
CA ALA B 303 3.42 -9.39 28.56
C ALA B 303 3.27 -9.48 30.08
N GLU B 304 2.14 -10.04 30.52
CA GLU B 304 1.84 -10.20 31.94
C GLU B 304 2.64 -11.32 32.61
N ASN B 305 2.92 -12.39 31.85
CA ASN B 305 3.76 -13.48 32.33
C ASN B 305 5.20 -13.02 32.58
N LEU B 306 5.70 -12.18 31.67
CA LEU B 306 7.01 -11.54 31.79
C LEU B 306 7.05 -10.58 33.00
N TYR B 307 5.92 -9.96 33.30
CA TYR B 307 5.78 -9.06 34.43
C TYR B 307 5.78 -9.79 35.79
N PHE B 308 4.97 -10.83 35.92
CA PHE B 308 4.77 -11.48 37.21
C PHE B 308 5.86 -12.48 37.60
N GLN B 309 6.96 -12.49 36.84
CA GLN B 309 8.12 -13.32 37.17
C GLN B 309 9.43 -12.52 37.25
N SER B 310 9.36 -11.25 36.84
CA SER B 310 10.49 -10.34 37.00
C SER B 310 10.24 -9.28 38.07
N HIS B 311 9.07 -9.34 38.71
CA HIS B 311 8.66 -8.39 39.75
C HIS B 311 8.27 -9.08 41.05
#